data_1OTK
#
_entry.id   1OTK
#
_cell.length_a   59.216
_cell.length_b   95.707
_cell.length_c   127.088
_cell.angle_alpha   90.00
_cell.angle_beta   90.00
_cell.angle_gamma   90.00
#
_symmetry.space_group_name_H-M   'P 21 21 21'
#
loop_
_entity.id
_entity.type
_entity.pdbx_description
1 polymer 'Phenylacetic acid degradation protein paaC'
2 water water
#
_entity_poly.entity_id   1
_entity_poly.type   'polypeptide(L)'
_entity_poly.pdbx_seq_one_letter_code
;HGNQLTAYTLRLGDNCLVLSQRLGEWCGHAPELEIDLALANIGLDLLGQARNFLSYAAELAGEGDEDTLAFTRDERQFSN
LLLVEQPNGNFADTIARQYFIDAWHVALFTRLMESRDPQLAAISAKAIKEARYHLRFSRGWLERLGNGTDVSGQKMQQAI
NKLWRFTAELFDADEIDIALSEEGIAVDPRTLRAAWEAEVFAGINEATLNVPQEQAYRTGGKKGLHTEHLGPMLAEMQYL
QRVLPGQQW
;
_entity_poly.pdbx_strand_id   A,B
#
# COMPACT_ATOMS: atom_id res chain seq x y z
N HIS A 1 24.35 31.19 -1.70
CA HIS A 1 25.02 29.87 -1.58
C HIS A 1 24.26 28.95 -0.64
N GLY A 2 24.02 29.44 0.57
CA GLY A 2 23.29 28.65 1.55
C GLY A 2 21.99 28.12 0.99
N ASN A 3 21.22 29.00 0.36
CA ASN A 3 19.95 28.59 -0.22
C ASN A 3 20.13 27.62 -1.38
N GLN A 4 21.20 27.77 -2.13
CA GLN A 4 21.42 26.89 -3.26
C GLN A 4 21.81 25.49 -2.82
N LEU A 5 22.67 25.40 -1.80
CA LEU A 5 23.13 24.11 -1.31
C LEU A 5 21.94 23.36 -0.70
N THR A 6 21.07 24.10 -0.02
CA THR A 6 19.89 23.52 0.59
C THR A 6 18.99 22.93 -0.49
N ALA A 7 18.78 23.72 -1.54
CA ALA A 7 17.93 23.30 -2.65
C ALA A 7 18.49 22.08 -3.36
N TYR A 8 19.81 22.07 -3.56
CA TYR A 8 20.49 20.96 -4.22
C TYR A 8 20.37 19.65 -3.44
N THR A 9 20.62 19.75 -2.13
CA THR A 9 20.55 18.61 -1.22
C THR A 9 19.11 18.07 -1.15
N LEU A 10 18.16 18.97 -0.99
CA LEU A 10 16.76 18.60 -0.90
C LEU A 10 16.24 17.88 -2.16
N ARG A 11 16.71 18.32 -3.33
CA ARG A 11 16.30 17.73 -4.61
C ARG A 11 16.72 16.27 -4.69
N LEU A 12 17.94 15.98 -4.27
CA LEU A 12 18.45 14.61 -4.29
C LEU A 12 17.64 13.80 -3.29
N GLY A 13 17.32 14.43 -2.15
CA GLY A 13 16.53 13.74 -1.15
C GLY A 13 15.14 13.44 -1.69
N ASP A 14 14.55 14.42 -2.37
CA ASP A 14 13.23 14.28 -2.93
C ASP A 14 13.15 13.16 -3.96
N ASN A 15 14.19 13.01 -4.79
CA ASN A 15 14.18 11.93 -5.78
C ASN A 15 14.01 10.59 -5.07
N CYS A 16 14.85 10.35 -4.06
CA CYS A 16 14.83 9.12 -3.28
C CYS A 16 13.51 8.92 -2.54
N LEU A 17 13.05 9.96 -1.86
CA LEU A 17 11.80 9.89 -1.10
C LEU A 17 10.60 9.54 -1.97
N VAL A 18 10.42 10.26 -3.07
CA VAL A 18 9.30 10.01 -3.96
C VAL A 18 9.35 8.59 -4.55
N LEU A 19 10.53 8.17 -5.00
CA LEU A 19 10.66 6.83 -5.57
C LEU A 19 10.45 5.73 -4.53
N SER A 20 10.89 5.95 -3.29
CA SER A 20 10.72 4.92 -2.26
C SER A 20 9.23 4.71 -2.01
N GLN A 21 8.44 5.78 -2.07
CA GLN A 21 7.01 5.65 -1.84
C GLN A 21 6.34 4.86 -2.97
N ARG A 22 6.80 5.05 -4.20
CA ARG A 22 6.24 4.30 -5.34
C ARG A 22 6.56 2.82 -5.20
N LEU A 23 7.80 2.52 -4.79
CA LEU A 23 8.22 1.13 -4.61
C LEU A 23 7.47 0.49 -3.45
N GLY A 24 7.11 1.31 -2.47
CA GLY A 24 6.37 0.83 -1.32
C GLY A 24 4.98 0.39 -1.73
N GLU A 25 4.46 0.97 -2.80
CA GLU A 25 3.13 0.64 -3.31
C GLU A 25 3.11 -0.73 -4.01
N TRP A 26 4.29 -1.30 -4.26
CA TRP A 26 4.38 -2.60 -4.92
C TRP A 26 4.25 -3.73 -3.91
N CYS A 27 4.37 -3.41 -2.62
CA CYS A 27 4.31 -4.41 -1.57
C CYS A 27 3.11 -5.33 -1.66
N GLY A 28 3.38 -6.62 -1.90
CA GLY A 28 2.31 -7.60 -2.00
C GLY A 28 1.69 -7.74 -3.37
N HIS A 29 2.23 -7.02 -4.36
CA HIS A 29 1.69 -7.08 -5.71
C HIS A 29 2.71 -7.50 -6.77
N ALA A 30 3.94 -7.74 -6.36
CA ALA A 30 4.97 -8.14 -7.32
C ALA A 30 4.68 -9.52 -7.89
N PRO A 31 5.26 -9.83 -9.06
CA PRO A 31 5.09 -11.12 -9.74
C PRO A 31 5.36 -12.32 -8.82
N GLU A 32 6.43 -12.24 -8.04
CA GLU A 32 6.79 -13.31 -7.12
C GLU A 32 7.33 -12.71 -5.83
N LEU A 33 7.26 -13.48 -4.74
CA LEU A 33 7.73 -13.03 -3.44
C LEU A 33 9.15 -12.48 -3.47
N GLU A 34 10.01 -13.15 -4.22
CA GLU A 34 11.41 -12.75 -4.33
C GLU A 34 11.54 -11.34 -4.91
N ILE A 35 10.82 -11.07 -5.98
CA ILE A 35 10.83 -9.75 -6.61
C ILE A 35 10.23 -8.73 -5.64
N ASP A 36 9.16 -9.13 -4.96
CA ASP A 36 8.48 -8.28 -4.00
C ASP A 36 9.44 -7.80 -2.91
N LEU A 37 10.20 -8.74 -2.35
CA LEU A 37 11.15 -8.41 -1.30
C LEU A 37 12.29 -7.53 -1.83
N ALA A 38 12.69 -7.74 -3.08
CA ALA A 38 13.76 -6.98 -3.70
C ALA A 38 13.33 -5.52 -3.89
N LEU A 39 12.12 -5.30 -4.38
CA LEU A 39 11.61 -3.95 -4.58
C LEU A 39 11.48 -3.25 -3.24
N ALA A 40 11.02 -4.00 -2.23
CA ALA A 40 10.86 -3.44 -0.89
C ALA A 40 12.22 -3.04 -0.33
N ASN A 41 13.25 -3.82 -0.68
CA ASN A 41 14.59 -3.51 -0.20
C ASN A 41 15.11 -2.24 -0.84
N ILE A 42 14.97 -2.13 -2.17
CA ILE A 42 15.41 -0.94 -2.88
C ILE A 42 14.72 0.29 -2.28
N GLY A 43 13.41 0.16 -2.06
CA GLY A 43 12.65 1.26 -1.49
C GLY A 43 13.17 1.71 -0.12
N LEU A 44 13.58 0.75 0.70
CA LEU A 44 14.11 1.07 2.03
C LEU A 44 15.46 1.76 1.91
N ASP A 45 16.27 1.34 0.93
CA ASP A 45 17.57 1.97 0.70
C ASP A 45 17.30 3.42 0.35
N LEU A 46 16.39 3.61 -0.60
CA LEU A 46 16.01 4.94 -1.05
C LEU A 46 15.47 5.78 0.09
N LEU A 47 14.67 5.19 0.97
CA LEU A 47 14.11 5.95 2.08
C LEU A 47 15.23 6.37 3.02
N GLY A 48 16.25 5.51 3.15
CA GLY A 48 17.38 5.83 4.01
C GLY A 48 18.17 7.00 3.45
N GLN A 49 18.39 6.99 2.14
CA GLN A 49 19.11 8.06 1.45
C GLN A 49 18.30 9.35 1.61
N ALA A 50 16.98 9.26 1.44
CA ALA A 50 16.09 10.42 1.58
C ALA A 50 16.20 11.06 2.98
N ARG A 51 16.31 10.24 4.02
CA ARG A 51 16.44 10.78 5.37
C ARG A 51 17.75 11.56 5.51
N ASN A 52 18.83 10.99 4.98
CA ASN A 52 20.13 11.64 5.04
C ASN A 52 20.10 13.00 4.36
N PHE A 53 19.62 13.04 3.11
CA PHE A 53 19.55 14.30 2.37
C PHE A 53 18.61 15.32 3.00
N LEU A 54 17.40 14.90 3.34
CA LEU A 54 16.43 15.80 3.96
C LEU A 54 16.89 16.29 5.33
N SER A 55 17.54 15.41 6.07
CA SER A 55 18.02 15.78 7.39
C SER A 55 19.09 16.86 7.20
N TYR A 56 19.97 16.66 6.22
CA TYR A 56 21.03 17.63 5.95
C TYR A 56 20.44 18.96 5.46
N ALA A 57 19.47 18.90 4.56
CA ALA A 57 18.84 20.11 4.04
C ALA A 57 18.18 20.91 5.16
N ALA A 58 17.54 20.22 6.10
CA ALA A 58 16.87 20.87 7.22
C ALA A 58 17.90 21.60 8.07
N GLU A 59 19.07 20.99 8.22
CA GLU A 59 20.16 21.60 8.99
C GLU A 59 20.62 22.85 8.26
N LEU A 60 20.87 22.72 6.97
CA LEU A 60 21.31 23.85 6.18
C LEU A 60 20.32 25.00 6.33
N ALA A 61 19.03 24.68 6.25
CA ALA A 61 17.97 25.69 6.38
C ALA A 61 17.83 26.26 7.78
N GLY A 62 18.43 25.60 8.77
CA GLY A 62 18.34 26.08 10.14
C GLY A 62 16.92 26.04 10.69
N GLU A 63 16.11 25.10 10.21
CA GLU A 63 14.75 24.95 10.67
C GLU A 63 14.12 23.68 10.12
N GLY A 64 13.27 23.05 10.92
CA GLY A 64 12.63 21.81 10.53
C GLY A 64 13.55 20.61 10.58
N ASP A 65 13.06 19.47 10.10
CA ASP A 65 13.83 18.23 10.06
C ASP A 65 13.31 17.40 8.88
N GLU A 66 13.79 16.17 8.75
CA GLU A 66 13.35 15.33 7.64
C GLU A 66 11.84 15.12 7.62
N ASP A 67 11.22 15.03 8.79
CA ASP A 67 9.78 14.80 8.86
C ASP A 67 8.93 15.97 8.37
N THR A 68 9.28 17.18 8.80
CA THR A 68 8.52 18.35 8.38
C THR A 68 8.70 18.51 6.88
N LEU A 69 9.91 18.23 6.39
CA LEU A 69 10.19 18.35 4.97
C LEU A 69 9.42 17.31 4.17
N ALA A 70 9.41 16.07 4.65
CA ALA A 70 8.73 15.01 3.95
C ALA A 70 7.21 15.11 4.00
N PHE A 71 6.69 15.65 5.10
CA PHE A 71 5.23 15.71 5.28
C PHE A 71 4.51 17.05 5.31
N THR A 72 5.25 18.16 5.35
CA THR A 72 4.56 19.46 5.40
C THR A 72 4.75 20.30 4.15
N ARG A 73 5.11 19.67 3.04
CA ARG A 73 5.31 20.38 1.79
C ARG A 73 4.29 19.94 0.75
N ASP A 74 3.72 20.90 0.02
CA ASP A 74 2.78 20.57 -1.02
C ASP A 74 3.62 20.27 -2.28
N GLU A 75 2.96 19.92 -3.38
CA GLU A 75 3.67 19.57 -4.60
C GLU A 75 4.52 20.67 -5.20
N ARG A 76 4.11 21.93 -5.06
CA ARG A 76 4.88 23.06 -5.60
C ARG A 76 6.17 23.27 -4.85
N GLN A 77 6.31 22.58 -3.72
CA GLN A 77 7.50 22.69 -2.90
C GLN A 77 8.41 21.47 -3.07
N PHE A 78 7.90 20.44 -3.72
CA PHE A 78 8.71 19.25 -3.94
C PHE A 78 9.62 19.47 -5.14
N SER A 79 10.83 18.92 -5.08
CA SER A 79 11.82 19.10 -6.14
C SER A 79 12.37 17.85 -6.82
N ASN A 80 11.64 16.75 -6.74
CA ASN A 80 12.06 15.50 -7.38
C ASN A 80 11.94 15.55 -8.90
N LEU A 81 12.75 14.74 -9.57
CA LEU A 81 12.69 14.61 -11.02
C LEU A 81 11.31 13.99 -11.31
N LEU A 82 10.76 14.28 -12.49
CA LEU A 82 9.45 13.75 -12.87
C LEU A 82 9.40 12.24 -13.05
N LEU A 83 10.52 11.65 -13.46
CA LEU A 83 10.60 10.22 -13.69
C LEU A 83 10.18 9.39 -12.46
N VAL A 84 10.59 9.81 -11.27
CA VAL A 84 10.27 9.05 -10.05
C VAL A 84 8.84 9.13 -9.54
N GLU A 85 8.07 10.15 -9.97
CA GLU A 85 6.69 10.30 -9.52
C GLU A 85 5.69 9.61 -10.45
N GLN A 86 6.20 9.00 -11.52
CA GLN A 86 5.35 8.30 -12.47
C GLN A 86 4.78 7.04 -11.84
N PRO A 87 3.54 6.67 -12.22
CA PRO A 87 2.92 5.46 -11.65
C PRO A 87 3.70 4.19 -11.95
N ASN A 88 3.56 3.21 -11.07
CA ASN A 88 4.25 1.95 -11.21
C ASN A 88 3.98 1.19 -12.50
N GLY A 89 2.73 1.25 -12.97
CA GLY A 89 2.40 0.52 -14.19
C GLY A 89 2.60 -0.97 -13.92
N ASN A 90 2.96 -1.74 -14.94
CA ASN A 90 3.21 -3.16 -14.74
C ASN A 90 4.66 -3.31 -14.31
N PHE A 91 5.11 -4.54 -14.08
CA PHE A 91 6.49 -4.78 -13.65
C PHE A 91 7.52 -4.24 -14.66
N ALA A 92 7.20 -4.31 -15.95
CA ALA A 92 8.13 -3.83 -16.97
C ALA A 92 8.27 -2.31 -16.87
N ASP A 93 7.17 -1.61 -16.65
CA ASP A 93 7.19 -0.15 -16.52
C ASP A 93 8.01 0.28 -15.30
N THR A 94 7.93 -0.51 -14.24
CA THR A 94 8.67 -0.23 -13.02
C THR A 94 10.16 -0.52 -13.20
N ILE A 95 10.48 -1.54 -14.00
CA ILE A 95 11.87 -1.91 -14.26
C ILE A 95 12.54 -0.82 -15.12
N ALA A 96 11.81 -0.28 -16.10
CA ALA A 96 12.37 0.77 -16.97
C ALA A 96 12.65 2.01 -16.12
N ARG A 97 11.67 2.41 -15.32
CA ARG A 97 11.83 3.57 -14.45
C ARG A 97 13.01 3.37 -13.50
N GLN A 98 13.10 2.18 -12.91
CA GLN A 98 14.18 1.89 -11.96
C GLN A 98 15.55 1.87 -12.63
N TYR A 99 15.65 1.19 -13.77
CA TYR A 99 16.91 1.12 -14.52
C TYR A 99 17.44 2.51 -14.90
N PHE A 100 16.55 3.38 -15.36
CA PHE A 100 16.95 4.72 -15.78
C PHE A 100 17.46 5.54 -14.59
N ILE A 101 16.82 5.43 -13.44
CA ILE A 101 17.25 6.20 -12.28
C ILE A 101 18.48 5.56 -11.62
N ASP A 102 18.57 4.24 -11.65
CA ASP A 102 19.72 3.54 -11.06
C ASP A 102 21.00 3.90 -11.82
N ALA A 103 20.91 3.92 -13.15
CA ALA A 103 22.07 4.26 -13.98
C ALA A 103 22.50 5.68 -13.64
N TRP A 104 21.51 6.55 -13.44
CA TRP A 104 21.77 7.95 -13.08
C TRP A 104 22.41 8.05 -11.70
N HIS A 105 21.86 7.33 -10.71
CA HIS A 105 22.42 7.35 -9.35
C HIS A 105 23.86 6.86 -9.33
N VAL A 106 24.14 5.79 -10.06
CA VAL A 106 25.49 5.26 -10.08
C VAL A 106 26.46 6.29 -10.66
N ALA A 107 26.07 6.92 -11.77
CA ALA A 107 26.89 7.94 -12.39
C ALA A 107 27.11 9.14 -11.46
N LEU A 108 26.02 9.61 -10.85
CA LEU A 108 26.07 10.76 -9.95
C LEU A 108 26.88 10.53 -8.67
N PHE A 109 26.48 9.52 -7.90
CA PHE A 109 27.15 9.26 -6.63
C PHE A 109 28.62 8.87 -6.76
N THR A 110 28.98 8.23 -7.86
CA THR A 110 30.37 7.84 -8.10
C THR A 110 31.24 9.08 -8.08
N ARG A 111 30.67 10.20 -8.53
CA ARG A 111 31.37 11.47 -8.58
C ARG A 111 31.09 12.40 -7.41
N LEU A 112 29.83 12.44 -6.96
CA LEU A 112 29.47 13.32 -5.85
C LEU A 112 30.15 12.89 -4.54
N MET A 113 30.62 11.65 -4.49
CA MET A 113 31.28 11.17 -3.27
C MET A 113 32.61 11.90 -3.10
N GLU A 114 32.96 12.72 -4.09
CA GLU A 114 34.19 13.50 -4.05
C GLU A 114 33.88 14.99 -3.93
N SER A 115 32.67 15.29 -3.48
CA SER A 115 32.22 16.67 -3.30
C SER A 115 33.01 17.41 -2.24
N ARG A 116 33.18 18.71 -2.41
CA ARG A 116 33.89 19.52 -1.43
C ARG A 116 33.07 19.53 -0.15
N ASP A 117 31.77 19.28 -0.28
CA ASP A 117 30.88 19.24 0.88
C ASP A 117 31.05 17.87 1.52
N PRO A 118 31.61 17.82 2.74
CA PRO A 118 31.82 16.56 3.44
C PRO A 118 30.56 15.70 3.67
N GLN A 119 29.44 16.34 4.02
CA GLN A 119 28.19 15.60 4.24
C GLN A 119 27.68 14.98 2.95
N LEU A 120 27.73 15.73 1.85
CA LEU A 120 27.27 15.22 0.56
C LEU A 120 28.19 14.12 0.09
N ALA A 121 29.49 14.29 0.37
CA ALA A 121 30.49 13.30 -0.02
C ALA A 121 30.24 12.00 0.76
N ALA A 122 29.94 12.14 2.05
CA ALA A 122 29.69 11.00 2.92
C ALA A 122 28.40 10.28 2.51
N ILE A 123 27.32 11.04 2.35
CA ILE A 123 26.06 10.45 1.93
C ILE A 123 26.22 9.72 0.60
N SER A 124 26.90 10.36 -0.35
CA SER A 124 27.13 9.77 -1.67
C SER A 124 28.00 8.53 -1.58
N ALA A 125 28.97 8.55 -0.68
CA ALA A 125 29.89 7.42 -0.51
C ALA A 125 29.11 6.17 -0.08
N LYS A 126 28.06 6.36 0.72
CA LYS A 126 27.23 5.25 1.18
C LYS A 126 26.18 4.88 0.14
N ALA A 127 25.60 5.92 -0.47
CA ALA A 127 24.58 5.75 -1.49
C ALA A 127 25.03 4.98 -2.74
N ILE A 128 26.25 5.26 -3.20
CA ILE A 128 26.77 4.58 -4.39
C ILE A 128 26.80 3.06 -4.25
N LYS A 129 27.13 2.58 -3.05
CA LYS A 129 27.18 1.14 -2.81
C LYS A 129 25.79 0.53 -3.02
N GLU A 130 24.78 1.18 -2.47
CA GLU A 130 23.41 0.71 -2.62
C GLU A 130 23.00 0.80 -4.08
N ALA A 131 23.32 1.93 -4.70
CA ALA A 131 22.98 2.17 -6.09
C ALA A 131 23.49 1.08 -7.03
N ARG A 132 24.69 0.55 -6.75
CA ARG A 132 25.25 -0.50 -7.60
C ARG A 132 24.37 -1.74 -7.57
N TYR A 133 23.86 -2.08 -6.40
CA TYR A 133 22.98 -3.24 -6.25
C TYR A 133 21.68 -3.01 -7.01
N HIS A 134 21.15 -1.79 -6.90
CA HIS A 134 19.91 -1.44 -7.58
C HIS A 134 20.09 -1.64 -9.07
N LEU A 135 21.18 -1.07 -9.62
CA LEU A 135 21.45 -1.18 -11.05
C LEU A 135 21.53 -2.64 -11.50
N ARG A 136 22.25 -3.46 -10.75
CA ARG A 136 22.38 -4.87 -11.10
C ARG A 136 20.98 -5.49 -11.20
N PHE A 137 20.13 -5.18 -10.22
CA PHE A 137 18.76 -5.70 -10.20
C PHE A 137 17.95 -5.25 -11.41
N SER A 138 17.85 -3.93 -11.60
CA SER A 138 17.07 -3.37 -12.71
C SER A 138 17.61 -3.79 -14.09
N ARG A 139 18.93 -3.68 -14.28
CA ARG A 139 19.51 -4.07 -15.56
C ARG A 139 19.30 -5.57 -15.79
N GLY A 140 19.40 -6.34 -14.70
CA GLY A 140 19.20 -7.77 -14.77
C GLY A 140 17.81 -8.11 -15.27
N TRP A 141 16.81 -7.44 -14.71
CA TRP A 141 15.43 -7.69 -15.13
C TRP A 141 15.13 -7.15 -16.52
N LEU A 142 15.82 -6.08 -16.91
CA LEU A 142 15.63 -5.50 -18.24
C LEU A 142 16.08 -6.54 -19.26
N GLU A 143 17.27 -7.07 -19.05
CA GLU A 143 17.83 -8.08 -19.93
C GLU A 143 16.94 -9.31 -19.94
N ARG A 144 16.45 -9.69 -18.75
CA ARG A 144 15.60 -10.85 -18.60
C ARG A 144 14.23 -10.76 -19.26
N LEU A 145 13.56 -9.61 -19.15
CA LEU A 145 12.25 -9.44 -19.76
C LEU A 145 12.38 -9.20 -21.27
N GLY A 146 13.41 -8.45 -21.65
CA GLY A 146 13.63 -8.17 -23.07
C GLY A 146 13.89 -9.43 -23.88
N ASN A 147 14.72 -10.32 -23.34
CA ASN A 147 15.05 -11.57 -24.01
C ASN A 147 14.13 -12.73 -23.62
N GLY A 148 13.07 -12.42 -22.87
CA GLY A 148 12.15 -13.46 -22.46
C GLY A 148 11.06 -13.76 -23.48
N THR A 149 9.82 -13.75 -23.03
CA THR A 149 8.68 -14.01 -23.87
C THR A 149 8.57 -12.94 -24.96
N ASP A 150 7.75 -13.21 -25.97
CA ASP A 150 7.52 -12.26 -27.03
C ASP A 150 6.70 -11.13 -26.43
N VAL A 151 5.82 -11.48 -25.50
CA VAL A 151 4.98 -10.51 -24.81
C VAL A 151 5.82 -9.73 -23.80
N SER A 152 6.85 -10.37 -23.27
CA SER A 152 7.73 -9.71 -22.30
C SER A 152 8.59 -8.67 -22.99
N GLY A 153 9.26 -9.09 -24.06
CA GLY A 153 10.12 -8.16 -24.78
C GLY A 153 9.28 -7.02 -25.31
N GLN A 154 8.00 -7.30 -25.55
CA GLN A 154 7.06 -6.33 -26.06
C GLN A 154 6.67 -5.33 -24.97
N LYS A 155 6.39 -5.84 -23.78
CA LYS A 155 6.02 -4.99 -22.65
C LYS A 155 7.22 -4.18 -22.18
N MET A 156 8.41 -4.76 -22.30
CA MET A 156 9.63 -4.07 -21.89
C MET A 156 9.95 -2.93 -22.85
N GLN A 157 9.73 -3.16 -24.14
CA GLN A 157 9.99 -2.14 -25.14
C GLN A 157 9.01 -0.99 -24.92
N GLN A 158 7.76 -1.32 -24.62
CA GLN A 158 6.72 -0.33 -24.38
C GLN A 158 7.01 0.49 -23.11
N ALA A 159 7.61 -0.16 -22.11
CA ALA A 159 7.96 0.50 -20.85
C ALA A 159 9.05 1.53 -21.12
N ILE A 160 10.05 1.13 -21.89
CA ILE A 160 11.18 1.99 -22.27
C ILE A 160 10.65 3.19 -23.06
N ASN A 161 9.78 2.92 -24.03
CA ASN A 161 9.22 3.96 -24.86
C ASN A 161 8.43 5.03 -24.11
N LYS A 162 7.48 4.61 -23.29
CA LYS A 162 6.64 5.55 -22.56
C LYS A 162 7.33 6.39 -21.47
N LEU A 163 8.45 5.92 -20.93
CA LEU A 163 9.14 6.68 -19.88
C LEU A 163 10.32 7.49 -20.41
N TRP A 164 10.63 7.33 -21.69
CA TRP A 164 11.77 8.01 -22.28
C TRP A 164 11.64 9.53 -22.22
N ARG A 165 10.40 10.01 -22.23
CA ARG A 165 10.10 11.43 -22.19
C ARG A 165 10.45 12.05 -20.84
N PHE A 166 10.94 11.23 -19.91
CA PHE A 166 11.31 11.71 -18.59
C PHE A 166 12.80 11.57 -18.32
N THR A 167 13.54 11.15 -19.35
CA THR A 167 14.99 10.95 -19.18
C THR A 167 15.84 12.19 -19.44
N ALA A 168 15.41 13.04 -20.37
CA ALA A 168 16.17 14.25 -20.69
C ALA A 168 16.32 15.18 -19.50
N GLU A 169 15.28 15.30 -18.68
CA GLU A 169 15.30 16.18 -17.50
C GLU A 169 16.48 15.86 -16.56
N LEU A 170 16.93 14.61 -16.56
CA LEU A 170 18.04 14.18 -15.71
C LEU A 170 19.37 14.84 -16.07
N PHE A 171 19.44 15.41 -17.28
CA PHE A 171 20.69 16.01 -17.73
C PHE A 171 20.73 17.52 -17.97
N ASP A 172 19.67 18.22 -17.61
CA ASP A 172 19.66 19.67 -17.76
C ASP A 172 20.18 20.28 -16.47
N ALA A 173 20.97 21.33 -16.60
CA ALA A 173 21.52 22.00 -15.43
C ALA A 173 20.87 23.36 -15.25
N ASP A 174 20.55 23.73 -14.01
CA ASP A 174 19.98 25.04 -13.80
C ASP A 174 21.02 25.91 -13.07
N GLU A 175 20.61 27.09 -12.63
CA GLU A 175 21.51 28.02 -11.95
C GLU A 175 22.19 27.40 -10.74
N ILE A 176 21.45 26.59 -9.98
CA ILE A 176 21.98 25.94 -8.80
C ILE A 176 23.04 24.89 -9.15
N ASP A 177 22.77 24.09 -10.17
CA ASP A 177 23.71 23.07 -10.61
C ASP A 177 25.03 23.71 -11.01
N ILE A 178 24.92 24.71 -11.88
CA ILE A 178 26.10 25.41 -12.39
C ILE A 178 26.90 26.09 -11.29
N ALA A 179 26.24 26.88 -10.45
CA ALA A 179 26.92 27.56 -9.37
C ALA A 179 27.60 26.56 -8.42
N LEU A 180 26.86 25.57 -7.95
CA LEU A 180 27.43 24.60 -7.02
C LEU A 180 28.52 23.71 -7.63
N SER A 181 28.42 23.40 -8.92
CA SER A 181 29.46 22.58 -9.53
C SER A 181 30.76 23.39 -9.71
N GLU A 182 30.61 24.70 -9.94
CA GLU A 182 31.75 25.59 -10.10
C GLU A 182 32.48 25.70 -8.76
N GLU A 183 31.75 25.54 -7.67
CA GLU A 183 32.32 25.59 -6.33
C GLU A 183 32.87 24.23 -5.92
N GLY A 184 32.78 23.26 -6.83
CA GLY A 184 33.28 21.91 -6.55
C GLY A 184 32.42 21.10 -5.59
N ILE A 185 31.20 21.57 -5.35
CA ILE A 185 30.29 20.91 -4.43
C ILE A 185 29.33 19.93 -5.12
N ALA A 186 28.73 20.38 -6.23
CA ALA A 186 27.77 19.55 -6.95
C ALA A 186 28.30 18.99 -8.25
N VAL A 187 27.57 18.03 -8.80
CA VAL A 187 27.92 17.45 -10.08
C VAL A 187 27.02 18.12 -11.13
N ASP A 188 27.63 18.59 -12.22
CA ASP A 188 26.88 19.24 -13.31
C ASP A 188 26.18 18.12 -14.07
N PRO A 189 24.83 18.09 -14.02
CA PRO A 189 24.00 17.08 -14.70
C PRO A 189 24.35 16.82 -16.17
N ARG A 190 24.66 17.87 -16.89
CA ARG A 190 25.00 17.75 -18.30
C ARG A 190 26.18 16.79 -18.51
N THR A 191 27.07 16.71 -17.53
CA THR A 191 28.25 15.87 -17.64
C THR A 191 27.99 14.40 -17.31
N LEU A 192 26.77 14.08 -16.93
CA LEU A 192 26.40 12.71 -16.58
C LEU A 192 25.80 11.95 -17.76
N ARG A 193 25.39 12.67 -18.80
CA ARG A 193 24.79 12.02 -19.96
C ARG A 193 25.67 10.95 -20.59
N ALA A 194 26.95 11.26 -20.77
CA ALA A 194 27.89 10.31 -21.39
C ALA A 194 27.90 8.96 -20.67
N ALA A 195 28.15 8.98 -19.36
CA ALA A 195 28.17 7.75 -18.58
C ALA A 195 26.81 7.05 -18.61
N TRP A 196 25.73 7.84 -18.45
CA TRP A 196 24.39 7.27 -18.45
C TRP A 196 24.09 6.54 -19.76
N GLU A 197 24.39 7.19 -20.88
CA GLU A 197 24.15 6.58 -22.18
C GLU A 197 24.97 5.31 -22.39
N ALA A 198 26.22 5.33 -21.93
CA ALA A 198 27.10 4.17 -22.08
C ALA A 198 26.46 2.95 -21.41
N GLU A 199 25.84 3.18 -20.24
CA GLU A 199 25.17 2.13 -19.49
C GLU A 199 23.83 1.72 -20.12
N VAL A 200 22.87 2.64 -20.08
CA VAL A 200 21.52 2.40 -20.59
C VAL A 200 21.38 1.94 -22.03
N PHE A 201 22.18 2.49 -22.94
CA PHE A 201 22.09 2.08 -24.34
C PHE A 201 22.59 0.66 -24.52
N ALA A 202 23.67 0.33 -23.81
CA ALA A 202 24.23 -1.00 -23.87
C ALA A 202 23.22 -2.00 -23.31
N GLY A 203 22.68 -1.69 -22.14
CA GLY A 203 21.69 -2.56 -21.52
C GLY A 203 20.49 -2.83 -22.40
N ILE A 204 19.94 -1.77 -23.02
CA ILE A 204 18.77 -1.90 -23.90
C ILE A 204 19.06 -2.76 -25.12
N ASN A 205 20.23 -2.59 -25.72
CA ASN A 205 20.57 -3.37 -26.89
C ASN A 205 20.89 -4.81 -26.49
N GLU A 206 21.51 -4.96 -25.33
CA GLU A 206 21.83 -6.28 -24.82
C GLU A 206 20.52 -7.04 -24.54
N ALA A 207 19.48 -6.29 -24.17
CA ALA A 207 18.18 -6.87 -23.89
C ALA A 207 17.40 -7.06 -25.19
N THR A 208 18.10 -6.90 -26.31
CA THR A 208 17.49 -7.05 -27.64
C THR A 208 16.31 -6.10 -27.83
N LEU A 209 16.44 -4.89 -27.32
CA LEU A 209 15.38 -3.89 -27.44
C LEU A 209 15.93 -2.67 -28.18
N ASN A 210 15.06 -1.71 -28.46
CA ASN A 210 15.47 -0.51 -29.19
C ASN A 210 15.46 0.76 -28.34
N VAL A 211 16.50 1.58 -28.51
CA VAL A 211 16.60 2.84 -27.80
C VAL A 211 15.64 3.81 -28.47
N PRO A 212 14.71 4.41 -27.69
CA PRO A 212 13.76 5.35 -28.29
C PRO A 212 14.47 6.55 -28.90
N GLN A 213 13.80 7.21 -29.84
CA GLN A 213 14.35 8.39 -30.49
C GLN A 213 14.06 9.61 -29.63
N GLU A 214 15.02 10.53 -29.55
CA GLU A 214 14.84 11.74 -28.77
C GLU A 214 13.78 12.63 -29.41
N GLN A 215 13.04 13.35 -28.57
CA GLN A 215 12.02 14.28 -29.04
C GLN A 215 11.62 15.17 -27.87
N ALA A 216 10.67 16.07 -28.09
CA ALA A 216 10.21 16.96 -27.02
C ALA A 216 10.01 16.17 -25.73
N TYR A 217 10.36 16.75 -24.60
CA TYR A 217 10.24 16.05 -23.34
C TYR A 217 9.57 16.85 -22.24
N ARG A 218 9.27 16.18 -21.14
CA ARG A 218 8.62 16.82 -20.00
C ARG A 218 9.65 17.18 -18.94
N THR A 219 9.45 18.32 -18.29
CA THR A 219 10.39 18.78 -17.28
C THR A 219 9.71 19.71 -16.28
N GLY A 220 10.48 20.19 -15.30
CA GLY A 220 9.95 21.11 -14.31
C GLY A 220 9.99 20.63 -12.87
N GLY A 221 10.19 19.32 -12.69
CA GLY A 221 10.22 18.77 -11.35
C GLY A 221 11.12 19.50 -10.37
N LYS A 222 12.36 19.76 -10.80
CA LYS A 222 13.33 20.42 -9.94
C LYS A 222 12.88 21.78 -9.42
N LYS A 223 12.00 22.46 -10.16
CA LYS A 223 11.51 23.74 -9.68
C LYS A 223 10.06 23.73 -9.24
N GLY A 224 9.62 22.59 -8.70
CA GLY A 224 8.26 22.47 -8.19
C GLY A 224 7.13 22.32 -9.19
N LEU A 225 7.47 22.11 -10.46
CA LEU A 225 6.44 21.95 -11.50
C LEU A 225 6.34 20.47 -11.84
N HIS A 226 5.31 19.83 -11.29
CA HIS A 226 5.11 18.41 -11.45
C HIS A 226 3.96 17.97 -12.33
N THR A 227 3.92 16.66 -12.60
CA THR A 227 2.83 16.09 -13.39
C THR A 227 1.65 15.94 -12.44
N GLU A 228 0.53 15.45 -12.96
CA GLU A 228 -0.68 15.25 -12.18
C GLU A 228 -0.49 14.21 -11.07
N HIS A 229 0.54 13.39 -11.21
CA HIS A 229 0.80 12.32 -10.26
C HIS A 229 1.36 12.63 -8.88
N LEU A 230 2.10 13.72 -8.70
CA LEU A 230 2.66 13.98 -7.39
C LEU A 230 1.64 14.33 -6.31
N GLY A 231 0.71 15.23 -6.63
CA GLY A 231 -0.30 15.62 -5.66
C GLY A 231 -0.96 14.45 -4.95
N PRO A 232 -1.52 13.49 -5.70
CA PRO A 232 -2.17 12.32 -5.12
C PRO A 232 -1.20 11.50 -4.24
N MET A 233 0.05 11.42 -4.68
CA MET A 233 1.08 10.69 -3.94
C MET A 233 1.28 11.30 -2.57
N LEU A 234 1.40 12.61 -2.52
CA LEU A 234 1.61 13.30 -1.25
C LEU A 234 0.41 13.09 -0.32
N ALA A 235 -0.79 13.14 -0.89
CA ALA A 235 -2.00 12.95 -0.10
C ALA A 235 -1.97 11.54 0.50
N GLU A 236 -1.47 10.57 -0.27
CA GLU A 236 -1.37 9.20 0.21
C GLU A 236 -0.37 9.09 1.37
N MET A 237 0.75 9.81 1.26
CA MET A 237 1.77 9.80 2.30
C MET A 237 1.19 10.39 3.59
N GLN A 238 0.45 11.48 3.45
CA GLN A 238 -0.16 12.10 4.59
C GLN A 238 -1.09 11.09 5.26
N TYR A 239 -1.94 10.45 4.47
CA TYR A 239 -2.87 9.45 4.97
C TYR A 239 -2.14 8.35 5.74
N LEU A 240 -1.15 7.74 5.11
CA LEU A 240 -0.38 6.67 5.76
C LEU A 240 0.29 7.12 7.05
N GLN A 241 0.63 8.39 7.17
CA GLN A 241 1.27 8.86 8.39
C GLN A 241 0.24 8.85 9.53
N ARG A 242 -1.02 9.09 9.18
CA ARG A 242 -2.09 9.11 10.17
C ARG A 242 -2.50 7.70 10.54
N VAL A 243 -2.93 6.90 9.56
CA VAL A 243 -3.34 5.53 9.85
C VAL A 243 -2.27 4.81 10.70
N LEU A 244 -1.09 4.45 10.14
CA LEU A 244 -0.23 3.79 11.14
C LEU A 244 0.70 4.84 11.78
N HIS B 1 -38.36 -6.66 -2.68
CA HIS B 1 -37.55 -7.82 -2.19
C HIS B 1 -36.19 -7.94 -2.87
N GLY B 2 -36.12 -7.50 -4.13
CA GLY B 2 -34.87 -7.56 -4.87
C GLY B 2 -33.86 -6.61 -4.25
N ASN B 3 -34.35 -5.46 -3.81
CA ASN B 3 -33.50 -4.47 -3.18
C ASN B 3 -32.96 -4.99 -1.87
N GLN B 4 -33.81 -5.68 -1.11
CA GLN B 4 -33.36 -6.23 0.17
C GLN B 4 -32.24 -7.23 -0.03
N LEU B 5 -32.40 -8.14 -1.00
CA LEU B 5 -31.38 -9.13 -1.27
C LEU B 5 -30.09 -8.46 -1.76
N THR B 6 -30.22 -7.44 -2.61
CA THR B 6 -29.05 -6.71 -3.12
C THR B 6 -28.27 -6.09 -1.96
N ALA B 7 -28.99 -5.40 -1.07
CA ALA B 7 -28.40 -4.77 0.10
C ALA B 7 -27.74 -5.79 1.02
N TYR B 8 -28.41 -6.93 1.23
CA TYR B 8 -27.86 -7.95 2.11
C TYR B 8 -26.55 -8.49 1.54
N THR B 9 -26.57 -8.83 0.26
CA THR B 9 -25.39 -9.36 -0.42
C THR B 9 -24.23 -8.36 -0.42
N LEU B 10 -24.57 -7.10 -0.67
CA LEU B 10 -23.57 -6.04 -0.73
C LEU B 10 -22.89 -5.79 0.61
N ARG B 11 -23.64 -5.79 1.71
CA ARG B 11 -23.02 -5.56 3.02
C ARG B 11 -22.04 -6.68 3.37
N LEU B 12 -22.34 -7.93 3.00
CA LEU B 12 -21.41 -9.02 3.28
C LEU B 12 -20.15 -8.79 2.47
N GLY B 13 -20.31 -8.28 1.24
CA GLY B 13 -19.15 -7.99 0.40
C GLY B 13 -18.36 -6.80 0.92
N ASP B 14 -19.08 -5.79 1.44
CA ASP B 14 -18.43 -4.60 1.97
C ASP B 14 -17.56 -4.94 3.17
N ASN B 15 -18.02 -5.86 4.01
CA ASN B 15 -17.24 -6.25 5.17
C ASN B 15 -15.89 -6.79 4.71
N CYS B 16 -15.94 -7.67 3.71
CA CYS B 16 -14.72 -8.29 3.19
C CYS B 16 -13.80 -7.29 2.52
N LEU B 17 -14.38 -6.44 1.67
CA LEU B 17 -13.60 -5.43 0.94
C LEU B 17 -12.86 -4.48 1.87
N VAL B 18 -13.56 -3.96 2.86
CA VAL B 18 -12.96 -3.02 3.80
C VAL B 18 -11.85 -3.67 4.63
N LEU B 19 -12.12 -4.85 5.17
CA LEU B 19 -11.11 -5.54 5.97
C LEU B 19 -9.89 -5.87 5.10
N SER B 20 -10.16 -6.27 3.86
CA SER B 20 -9.10 -6.60 2.91
C SER B 20 -8.17 -5.40 2.74
N GLN B 21 -8.76 -4.21 2.62
CA GLN B 21 -7.98 -2.98 2.45
C GLN B 21 -7.10 -2.71 3.67
N ARG B 22 -7.63 -2.91 4.87
CA ARG B 22 -6.86 -2.69 6.10
C ARG B 22 -5.68 -3.66 6.18
N LEU B 23 -5.92 -4.93 5.90
CA LEU B 23 -4.84 -5.92 5.93
C LEU B 23 -3.76 -5.59 4.90
N GLY B 24 -4.17 -5.02 3.77
CA GLY B 24 -3.23 -4.64 2.73
C GLY B 24 -2.28 -3.55 3.20
N GLU B 25 -2.74 -2.70 4.12
CA GLU B 25 -1.92 -1.62 4.67
C GLU B 25 -0.80 -2.14 5.57
N TRP B 26 -0.91 -3.40 5.98
CA TRP B 26 0.12 -3.99 6.84
C TRP B 26 1.34 -4.44 6.04
N CYS B 27 1.15 -4.64 4.74
CA CYS B 27 2.22 -5.14 3.88
C CYS B 27 3.58 -4.48 4.10
N GLY B 28 4.54 -5.29 4.52
CA GLY B 28 5.88 -4.80 4.74
C GLY B 28 6.11 -4.19 6.10
N HIS B 29 5.10 -4.18 6.96
CA HIS B 29 5.23 -3.59 8.28
C HIS B 29 4.91 -4.57 9.41
N ALA B 30 4.74 -5.85 9.08
CA ALA B 30 4.44 -6.84 10.10
C ALA B 30 5.69 -7.13 10.94
N PRO B 31 5.50 -7.67 12.15
CA PRO B 31 6.63 -8.00 13.04
C PRO B 31 7.61 -9.02 12.45
N GLU B 32 7.13 -9.90 11.57
CA GLU B 32 7.97 -10.92 10.96
C GLU B 32 7.44 -11.21 9.56
N LEU B 33 8.27 -11.79 8.71
CA LEU B 33 7.86 -12.10 7.34
C LEU B 33 6.67 -13.06 7.39
N GLU B 34 6.77 -14.04 8.28
CA GLU B 34 5.73 -15.04 8.47
C GLU B 34 4.36 -14.37 8.70
N ILE B 35 4.32 -13.41 9.63
CA ILE B 35 3.08 -12.70 9.93
C ILE B 35 2.66 -11.86 8.72
N ASP B 36 3.63 -11.21 8.09
CA ASP B 36 3.37 -10.38 6.92
C ASP B 36 2.69 -11.21 5.82
N LEU B 37 3.18 -12.43 5.59
CA LEU B 37 2.63 -13.31 4.56
C LEU B 37 1.23 -13.80 4.91
N ALA B 38 1.01 -14.10 6.19
CA ALA B 38 -0.29 -14.58 6.65
C ALA B 38 -1.35 -13.51 6.45
N LEU B 39 -1.05 -12.29 6.90
CA LEU B 39 -1.99 -11.17 6.77
C LEU B 39 -2.31 -10.87 5.31
N ALA B 40 -1.31 -10.96 4.43
CA ALA B 40 -1.54 -10.72 3.01
C ALA B 40 -2.44 -11.82 2.44
N ASN B 41 -2.26 -13.05 2.91
CA ASN B 41 -3.05 -14.18 2.46
C ASN B 41 -4.51 -14.02 2.88
N ILE B 42 -4.73 -13.56 4.10
CA ILE B 42 -6.09 -13.34 4.58
C ILE B 42 -6.72 -12.23 3.75
N GLY B 43 -5.95 -11.15 3.55
CA GLY B 43 -6.45 -10.04 2.75
C GLY B 43 -6.86 -10.49 1.37
N LEU B 44 -6.09 -11.39 0.77
CA LEU B 44 -6.40 -11.89 -0.57
C LEU B 44 -7.65 -12.75 -0.57
N ASP B 45 -7.85 -13.55 0.47
CA ASP B 45 -9.06 -14.38 0.57
C ASP B 45 -10.25 -13.44 0.64
N LEU B 46 -10.17 -12.47 1.54
CA LEU B 46 -11.24 -11.50 1.74
C LEU B 46 -11.57 -10.74 0.46
N LEU B 47 -10.55 -10.35 -0.30
CA LEU B 47 -10.77 -9.63 -1.54
C LEU B 47 -11.55 -10.50 -2.53
N GLY B 48 -11.22 -11.80 -2.53
CA GLY B 48 -11.89 -12.73 -3.41
C GLY B 48 -13.35 -12.86 -3.03
N GLN B 49 -13.65 -12.94 -1.73
CA GLN B 49 -15.04 -13.06 -1.31
C GLN B 49 -15.77 -11.73 -1.57
N ALA B 50 -15.04 -10.63 -1.47
CA ALA B 50 -15.62 -9.31 -1.75
C ALA B 50 -16.04 -9.31 -3.22
N ARG B 51 -15.17 -9.81 -4.10
CA ARG B 51 -15.50 -9.84 -5.52
C ARG B 51 -16.76 -10.66 -5.77
N ASN B 52 -16.85 -11.83 -5.12
CA ASN B 52 -18.01 -12.70 -5.29
C ASN B 52 -19.32 -12.03 -4.85
N PHE B 53 -19.29 -11.39 -3.68
CA PHE B 53 -20.50 -10.75 -3.17
C PHE B 53 -20.90 -9.52 -3.97
N LEU B 54 -19.92 -8.65 -4.25
CA LEU B 54 -20.19 -7.45 -5.03
C LEU B 54 -20.65 -7.79 -6.43
N SER B 55 -20.03 -8.81 -7.01
CA SER B 55 -20.40 -9.24 -8.35
C SER B 55 -21.88 -9.65 -8.38
N TYR B 56 -22.30 -10.39 -7.36
CA TYR B 56 -23.70 -10.83 -7.28
C TYR B 56 -24.63 -9.65 -7.03
N ALA B 57 -24.18 -8.69 -6.22
CA ALA B 57 -24.99 -7.51 -5.92
C ALA B 57 -25.20 -6.65 -7.18
N ALA B 58 -24.15 -6.53 -8.01
CA ALA B 58 -24.26 -5.75 -9.25
C ALA B 58 -25.23 -6.45 -10.19
N GLU B 59 -25.20 -7.78 -10.18
CA GLU B 59 -26.08 -8.57 -11.03
C GLU B 59 -27.52 -8.36 -10.60
N LEU B 60 -27.76 -8.38 -9.29
CA LEU B 60 -29.10 -8.19 -8.75
C LEU B 60 -29.60 -6.79 -9.09
N ALA B 61 -28.72 -5.81 -8.96
CA ALA B 61 -29.06 -4.42 -9.23
C ALA B 61 -29.34 -4.19 -10.70
N GLY B 62 -28.80 -5.05 -11.54
CA GLY B 62 -29.01 -4.88 -12.98
C GLY B 62 -28.11 -3.82 -13.58
N GLU B 63 -27.10 -3.39 -12.84
CA GLU B 63 -26.18 -2.37 -13.35
C GLU B 63 -24.83 -2.39 -12.63
N GLY B 64 -23.79 -1.95 -13.33
CA GLY B 64 -22.46 -1.91 -12.78
C GLY B 64 -21.79 -3.27 -12.60
N ASP B 65 -20.72 -3.31 -11.81
CA ASP B 65 -19.99 -4.54 -11.53
C ASP B 65 -19.26 -4.39 -10.21
N GLU B 66 -18.44 -5.38 -9.86
CA GLU B 66 -17.70 -5.32 -8.60
C GLU B 66 -16.80 -4.08 -8.50
N ASP B 67 -16.25 -3.64 -9.63
CA ASP B 67 -15.39 -2.46 -9.62
C ASP B 67 -16.16 -1.17 -9.41
N THR B 68 -17.27 -0.99 -10.11
CA THR B 68 -18.05 0.22 -9.92
C THR B 68 -18.48 0.28 -8.45
N LEU B 69 -18.92 -0.86 -7.92
CA LEU B 69 -19.35 -0.94 -6.52
C LEU B 69 -18.22 -0.66 -5.55
N ALA B 70 -17.05 -1.25 -5.81
CA ALA B 70 -15.91 -1.07 -4.93
C ALA B 70 -15.30 0.33 -4.95
N PHE B 71 -15.25 0.94 -6.12
CA PHE B 71 -14.59 2.23 -6.26
C PHE B 71 -15.39 3.50 -6.56
N THR B 72 -16.71 3.40 -6.73
CA THR B 72 -17.49 4.60 -7.03
C THR B 72 -18.56 4.93 -5.99
N ARG B 73 -18.40 4.43 -4.77
CA ARG B 73 -19.36 4.72 -3.71
C ARG B 73 -18.61 5.41 -2.57
N ASP B 74 -19.19 6.46 -2.01
CA ASP B 74 -18.53 7.11 -0.89
C ASP B 74 -19.05 6.44 0.37
N GLU B 75 -18.46 6.76 1.51
CA GLU B 75 -18.83 6.14 2.79
C GLU B 75 -20.32 6.03 3.06
N ARG B 76 -21.11 7.01 2.62
CA ARG B 76 -22.54 7.00 2.85
C ARG B 76 -23.23 5.83 2.14
N GLN B 77 -22.58 5.28 1.14
CA GLN B 77 -23.16 4.17 0.40
C GLN B 77 -22.51 2.83 0.78
N PHE B 78 -21.52 2.86 1.66
CA PHE B 78 -20.87 1.64 2.09
C PHE B 78 -21.65 1.06 3.24
N SER B 79 -21.72 -0.27 3.30
CA SER B 79 -22.53 -0.91 4.33
C SER B 79 -21.81 -1.94 5.19
N ASN B 80 -20.50 -1.78 5.33
CA ASN B 80 -19.70 -2.69 6.15
C ASN B 80 -19.93 -2.41 7.63
N LEU B 81 -19.61 -3.41 8.45
CA LEU B 81 -19.70 -3.30 9.90
C LEU B 81 -18.58 -2.34 10.31
N LEU B 82 -18.78 -1.61 11.40
CA LEU B 82 -17.78 -0.64 11.87
C LEU B 82 -16.47 -1.29 12.30
N LEU B 83 -16.54 -2.51 12.78
CA LEU B 83 -15.35 -3.23 13.22
C LEU B 83 -14.23 -3.38 12.17
N VAL B 84 -14.60 -3.59 10.91
CA VAL B 84 -13.58 -3.77 9.87
C VAL B 84 -12.92 -2.50 9.34
N GLU B 85 -13.51 -1.33 9.61
CA GLU B 85 -12.93 -0.07 9.14
C GLU B 85 -12.01 0.57 10.16
N GLN B 86 -11.92 -0.05 11.35
CA GLN B 86 -11.07 0.45 12.42
C GLN B 86 -9.59 0.39 12.01
N PRO B 87 -8.78 1.35 12.49
CA PRO B 87 -7.35 1.37 12.16
C PRO B 87 -6.65 0.11 12.64
N ASN B 88 -5.58 -0.28 11.94
CA ASN B 88 -4.81 -1.48 12.27
C ASN B 88 -4.18 -1.42 13.67
N GLY B 89 -3.73 -0.24 14.09
CA GLY B 89 -3.12 -0.10 15.40
C GLY B 89 -1.89 -0.99 15.45
N ASN B 90 -1.58 -1.54 16.63
CA ASN B 90 -0.44 -2.44 16.70
C ASN B 90 -0.90 -3.86 16.31
N PHE B 91 0.03 -4.80 16.28
CA PHE B 91 -0.30 -6.17 15.90
C PHE B 91 -1.43 -6.72 16.78
N ALA B 92 -1.40 -6.39 18.08
CA ALA B 92 -2.43 -6.88 18.98
C ALA B 92 -3.82 -6.39 18.58
N ASP B 93 -3.94 -5.10 18.23
CA ASP B 93 -5.22 -4.53 17.83
C ASP B 93 -5.74 -5.22 16.57
N THR B 94 -4.83 -5.50 15.64
CA THR B 94 -5.18 -6.16 14.39
C THR B 94 -5.62 -7.60 14.64
N ILE B 95 -4.99 -8.25 15.62
CA ILE B 95 -5.34 -9.63 15.98
C ILE B 95 -6.72 -9.71 16.64
N ALA B 96 -7.03 -8.74 17.50
CA ALA B 96 -8.34 -8.72 18.16
C ALA B 96 -9.44 -8.49 17.11
N ARG B 97 -9.21 -7.53 16.22
CA ARG B 97 -10.19 -7.24 15.17
C ARG B 97 -10.39 -8.48 14.30
N GLN B 98 -9.29 -9.13 13.94
CA GLN B 98 -9.36 -10.33 13.08
C GLN B 98 -10.06 -11.51 13.76
N TYR B 99 -9.73 -11.78 15.02
CA TYR B 99 -10.36 -12.87 15.74
C TYR B 99 -11.87 -12.66 15.87
N PHE B 100 -12.28 -11.45 16.22
CA PHE B 100 -13.70 -11.16 16.36
C PHE B 100 -14.46 -11.38 15.04
N ILE B 101 -13.90 -10.88 13.94
CA ILE B 101 -14.57 -11.04 12.65
C ILE B 101 -14.46 -12.48 12.13
N ASP B 102 -13.32 -13.13 12.36
CA ASP B 102 -13.13 -14.52 11.91
C ASP B 102 -14.13 -15.44 12.59
N ALA B 103 -14.32 -15.27 13.89
CA ALA B 103 -15.27 -16.10 14.62
C ALA B 103 -16.66 -15.84 14.07
N TRP B 104 -16.93 -14.58 13.72
CA TRP B 104 -18.22 -14.20 13.16
C TRP B 104 -18.40 -14.85 11.79
N HIS B 105 -17.38 -14.75 10.93
CA HIS B 105 -17.42 -15.35 9.59
C HIS B 105 -17.67 -16.87 9.62
N VAL B 106 -16.96 -17.57 10.50
CA VAL B 106 -17.13 -19.02 10.61
C VAL B 106 -18.59 -19.34 10.98
N ALA B 107 -19.14 -18.61 11.95
CA ALA B 107 -20.51 -18.83 12.39
C ALA B 107 -21.51 -18.49 11.27
N LEU B 108 -21.28 -17.36 10.61
CA LEU B 108 -22.14 -16.90 9.55
C LEU B 108 -22.16 -17.84 8.35
N PHE B 109 -20.98 -18.13 7.80
CA PHE B 109 -20.90 -18.99 6.62
C PHE B 109 -21.34 -20.43 6.86
N THR B 110 -21.23 -20.87 8.10
CA THR B 110 -21.66 -22.22 8.46
C THR B 110 -23.17 -22.30 8.24
N ARG B 111 -23.87 -21.26 8.68
CA ARG B 111 -25.32 -21.16 8.55
C ARG B 111 -25.77 -20.75 7.15
N LEU B 112 -25.04 -19.82 6.52
CA LEU B 112 -25.43 -19.32 5.20
C LEU B 112 -25.30 -20.38 4.10
N MET B 113 -24.53 -21.43 4.36
CA MET B 113 -24.38 -22.53 3.38
C MET B 113 -25.74 -23.16 3.14
N GLU B 114 -26.66 -22.98 4.09
CA GLU B 114 -28.01 -23.53 3.99
C GLU B 114 -29.00 -22.59 3.30
N SER B 115 -28.53 -21.44 2.85
CA SER B 115 -29.39 -20.46 2.19
C SER B 115 -30.15 -20.99 0.98
N ARG B 116 -31.41 -20.56 0.85
CA ARG B 116 -32.24 -20.97 -0.29
C ARG B 116 -31.75 -20.23 -1.55
N ASP B 117 -30.92 -19.21 -1.37
CA ASP B 117 -30.37 -18.51 -2.52
C ASP B 117 -29.12 -19.33 -2.86
N PRO B 118 -29.13 -20.00 -4.02
CA PRO B 118 -28.00 -20.84 -4.43
C PRO B 118 -26.64 -20.14 -4.59
N GLN B 119 -26.67 -18.87 -4.96
CA GLN B 119 -25.44 -18.11 -5.13
C GLN B 119 -24.85 -17.80 -3.75
N LEU B 120 -25.69 -17.35 -2.83
CA LEU B 120 -25.21 -17.06 -1.48
C LEU B 120 -24.73 -18.35 -0.83
N ALA B 121 -25.45 -19.44 -1.04
CA ALA B 121 -25.06 -20.73 -0.49
C ALA B 121 -23.71 -21.18 -1.06
N ALA B 122 -23.51 -21.00 -2.36
CA ALA B 122 -22.26 -21.39 -3.02
C ALA B 122 -21.08 -20.56 -2.53
N ILE B 123 -21.30 -19.26 -2.37
CA ILE B 123 -20.23 -18.37 -1.91
C ILE B 123 -19.82 -18.77 -0.50
N SER B 124 -20.80 -19.09 0.34
CA SER B 124 -20.54 -19.50 1.72
C SER B 124 -19.75 -20.79 1.78
N ALA B 125 -20.04 -21.71 0.85
CA ALA B 125 -19.34 -22.99 0.83
C ALA B 125 -17.84 -22.80 0.62
N LYS B 126 -17.46 -21.76 -0.12
CA LYS B 126 -16.05 -21.50 -0.32
C LYS B 126 -15.46 -20.64 0.81
N ALA B 127 -16.21 -19.64 1.24
CA ALA B 127 -15.77 -18.74 2.29
C ALA B 127 -15.52 -19.45 3.63
N ILE B 128 -16.38 -20.40 3.98
CA ILE B 128 -16.24 -21.11 5.26
C ILE B 128 -14.85 -21.75 5.40
N LYS B 129 -14.33 -22.31 4.31
CA LYS B 129 -13.01 -22.95 4.34
C LYS B 129 -11.91 -21.92 4.60
N GLU B 130 -12.04 -20.74 4.00
CA GLU B 130 -11.08 -19.68 4.18
C GLU B 130 -11.18 -19.13 5.60
N ALA B 131 -12.42 -18.89 6.05
CA ALA B 131 -12.66 -18.37 7.40
C ALA B 131 -12.07 -19.26 8.49
N ARG B 132 -12.11 -20.58 8.29
CA ARG B 132 -11.56 -21.49 9.29
C ARG B 132 -10.05 -21.32 9.41
N TYR B 133 -9.37 -21.05 8.30
CA TYR B 133 -7.92 -20.84 8.37
C TYR B 133 -7.61 -19.50 9.02
N HIS B 134 -8.42 -18.49 8.73
CA HIS B 134 -8.23 -17.16 9.31
C HIS B 134 -8.33 -17.30 10.82
N LEU B 135 -9.37 -17.99 11.28
CA LEU B 135 -9.61 -18.19 12.70
C LEU B 135 -8.47 -18.95 13.38
N ARG B 136 -7.92 -19.95 12.70
CA ARG B 136 -6.83 -20.71 13.26
C ARG B 136 -5.66 -19.77 13.50
N PHE B 137 -5.44 -18.86 12.55
CA PHE B 137 -4.35 -17.89 12.65
C PHE B 137 -4.60 -16.85 13.75
N SER B 138 -5.73 -16.17 13.68
CA SER B 138 -6.05 -15.14 14.66
C SER B 138 -6.19 -15.68 16.08
N ARG B 139 -6.85 -16.83 16.25
CA ARG B 139 -6.98 -17.38 17.59
C ARG B 139 -5.61 -17.82 18.13
N GLY B 140 -4.78 -18.37 17.25
CA GLY B 140 -3.46 -18.81 17.65
C GLY B 140 -2.58 -17.68 18.16
N TRP B 141 -2.66 -16.52 17.51
CA TRP B 141 -1.88 -15.37 17.94
C TRP B 141 -2.47 -14.73 19.19
N LEU B 142 -3.79 -14.79 19.33
CA LEU B 142 -4.46 -14.26 20.51
C LEU B 142 -3.87 -15.03 21.71
N GLU B 143 -3.86 -16.35 21.58
CA GLU B 143 -3.33 -17.24 22.61
C GLU B 143 -1.86 -16.95 22.94
N ARG B 144 -1.05 -16.84 21.89
CA ARG B 144 0.37 -16.59 22.06
C ARG B 144 0.68 -15.24 22.71
N LEU B 145 -0.02 -14.19 22.28
CA LEU B 145 0.20 -12.87 22.86
C LEU B 145 -0.32 -12.84 24.30
N GLY B 146 -1.49 -13.42 24.52
CA GLY B 146 -2.07 -13.45 25.85
C GLY B 146 -1.24 -14.25 26.86
N ASN B 147 -0.61 -15.33 26.40
CA ASN B 147 0.21 -16.17 27.27
C ASN B 147 1.70 -15.83 27.23
N GLY B 148 2.05 -14.70 26.60
CA GLY B 148 3.44 -14.31 26.53
C GLY B 148 3.86 -13.57 27.78
N THR B 149 4.63 -12.50 27.62
CA THR B 149 5.04 -11.69 28.76
C THR B 149 3.81 -10.90 29.19
N ASP B 150 3.80 -10.43 30.43
CA ASP B 150 2.67 -9.66 30.92
C ASP B 150 2.50 -8.41 30.06
N VAL B 151 3.60 -7.91 29.51
CA VAL B 151 3.51 -6.73 28.67
C VAL B 151 2.70 -7.06 27.40
N SER B 152 3.01 -8.17 26.74
CA SER B 152 2.24 -8.51 25.54
C SER B 152 0.82 -8.86 25.93
N GLY B 153 0.66 -9.47 27.10
CA GLY B 153 -0.67 -9.81 27.57
C GLY B 153 -1.50 -8.55 27.77
N GLN B 154 -0.88 -7.51 28.31
CA GLN B 154 -1.57 -6.24 28.53
C GLN B 154 -1.94 -5.61 27.20
N LYS B 155 -1.06 -5.68 26.22
CA LYS B 155 -1.36 -5.12 24.90
C LYS B 155 -2.53 -5.87 24.26
N MET B 156 -2.58 -7.19 24.46
CA MET B 156 -3.65 -8.01 23.89
C MET B 156 -4.96 -7.70 24.63
N GLN B 157 -4.89 -7.54 25.95
CA GLN B 157 -6.09 -7.22 26.70
C GLN B 157 -6.62 -5.86 26.28
N GLN B 158 -5.71 -4.91 26.07
CA GLN B 158 -6.10 -3.55 25.67
C GLN B 158 -6.76 -3.54 24.29
N ALA B 159 -6.25 -4.39 23.40
CA ALA B 159 -6.78 -4.48 22.04
C ALA B 159 -8.22 -5.00 22.10
N ILE B 160 -8.43 -6.01 22.94
CA ILE B 160 -9.75 -6.61 23.14
C ILE B 160 -10.73 -5.57 23.71
N ASN B 161 -10.26 -4.80 24.69
CA ASN B 161 -11.08 -3.78 25.34
C ASN B 161 -11.49 -2.63 24.44
N LYS B 162 -10.59 -2.16 23.59
CA LYS B 162 -10.89 -1.01 22.73
C LYS B 162 -11.76 -1.36 21.53
N LEU B 163 -11.75 -2.62 21.12
CA LEU B 163 -12.54 -3.04 19.96
C LEU B 163 -13.84 -3.72 20.34
N TRP B 164 -14.04 -3.94 21.64
CA TRP B 164 -15.25 -4.61 22.09
C TRP B 164 -16.51 -3.79 21.78
N ARG B 165 -16.35 -2.47 21.73
CA ARG B 165 -17.47 -1.57 21.44
C ARG B 165 -18.01 -1.74 20.02
N PHE B 166 -17.31 -2.54 19.21
CA PHE B 166 -17.73 -2.80 17.84
C PHE B 166 -18.23 -4.22 17.62
N THR B 167 -18.36 -5.01 18.68
CA THR B 167 -18.82 -6.38 18.54
C THR B 167 -20.34 -6.55 18.57
N ALA B 168 -21.03 -5.76 19.39
CA ALA B 168 -22.49 -5.88 19.48
C ALA B 168 -23.21 -5.71 18.14
N GLU B 169 -22.70 -4.80 17.30
CA GLU B 169 -23.28 -4.51 15.99
C GLU B 169 -23.40 -5.77 15.10
N LEU B 170 -22.51 -6.73 15.33
CA LEU B 170 -22.48 -7.98 14.58
C LEU B 170 -23.70 -8.85 14.81
N PHE B 171 -24.47 -8.56 15.86
CA PHE B 171 -25.61 -9.40 16.18
C PHE B 171 -26.99 -8.75 16.15
N ASP B 172 -27.06 -7.52 15.67
CA ASP B 172 -28.36 -6.84 15.57
C ASP B 172 -28.96 -7.15 14.21
N ALA B 173 -30.26 -7.38 14.17
CA ALA B 173 -30.94 -7.68 12.92
C ALA B 173 -31.80 -6.50 12.49
N ASP B 174 -31.71 -6.10 11.23
CA ASP B 174 -32.55 -5.01 10.76
C ASP B 174 -33.70 -5.60 9.94
N GLU B 175 -34.50 -4.74 9.32
CA GLU B 175 -35.64 -5.21 8.54
C GLU B 175 -35.25 -6.16 7.40
N ILE B 176 -34.13 -5.87 6.75
CA ILE B 176 -33.63 -6.69 5.67
C ILE B 176 -33.25 -8.09 6.19
N ASP B 177 -32.55 -8.14 7.33
CA ASP B 177 -32.15 -9.43 7.91
C ASP B 177 -33.36 -10.27 8.26
N ILE B 178 -34.35 -9.63 8.87
CA ILE B 178 -35.55 -10.33 9.29
C ILE B 178 -36.39 -10.85 8.14
N ALA B 179 -36.62 -10.00 7.14
CA ALA B 179 -37.42 -10.41 6.00
C ALA B 179 -36.77 -11.58 5.23
N LEU B 180 -35.49 -11.43 4.94
CA LEU B 180 -34.77 -12.47 4.21
C LEU B 180 -34.54 -13.74 5.01
N SER B 181 -34.39 -13.64 6.33
CA SER B 181 -34.19 -14.87 7.11
C SER B 181 -35.49 -15.65 7.25
N GLU B 182 -36.62 -14.95 7.26
CA GLU B 182 -37.91 -15.63 7.36
C GLU B 182 -38.17 -16.38 6.06
N GLU B 183 -37.44 -15.99 5.02
CA GLU B 183 -37.55 -16.61 3.71
C GLU B 183 -36.48 -17.67 3.52
N GLY B 184 -35.71 -17.93 4.57
CA GLY B 184 -34.64 -18.93 4.49
C GLY B 184 -33.50 -18.52 3.57
N ILE B 185 -33.38 -17.21 3.31
CA ILE B 185 -32.34 -16.70 2.42
C ILE B 185 -31.13 -16.16 3.19
N ALA B 186 -31.39 -15.35 4.20
CA ALA B 186 -30.32 -14.75 4.98
C ALA B 186 -30.23 -15.36 6.37
N VAL B 187 -29.10 -15.12 7.03
CA VAL B 187 -28.89 -15.59 8.39
C VAL B 187 -29.26 -14.45 9.35
N ASP B 188 -30.13 -14.73 10.31
CA ASP B 188 -30.55 -13.74 11.32
C ASP B 188 -29.32 -13.50 12.21
N PRO B 189 -28.72 -12.30 12.15
CA PRO B 189 -27.55 -12.00 12.98
C PRO B 189 -27.71 -12.35 14.45
N ARG B 190 -28.93 -12.17 14.98
CA ARG B 190 -29.20 -12.45 16.39
C ARG B 190 -28.91 -13.89 16.78
N THR B 191 -29.10 -14.81 15.84
CA THR B 191 -28.87 -16.23 16.11
C THR B 191 -27.41 -16.66 16.06
N LEU B 192 -26.51 -15.73 15.75
CA LEU B 192 -25.09 -16.06 15.69
C LEU B 192 -24.36 -15.75 17.01
N ARG B 193 -25.01 -15.00 17.90
CA ARG B 193 -24.39 -14.61 19.16
C ARG B 193 -23.87 -15.77 20.01
N ALA B 194 -24.69 -16.81 20.16
CA ALA B 194 -24.31 -17.96 20.98
C ALA B 194 -23.05 -18.67 20.46
N ALA B 195 -22.97 -18.88 19.15
CA ALA B 195 -21.80 -19.54 18.56
C ALA B 195 -20.57 -18.65 18.69
N TRP B 196 -20.75 -17.35 18.45
CA TRP B 196 -19.66 -16.40 18.53
C TRP B 196 -19.04 -16.38 19.94
N GLU B 197 -19.90 -16.26 20.95
CA GLU B 197 -19.47 -16.22 22.33
C GLU B 197 -18.74 -17.50 22.73
N ALA B 198 -19.31 -18.65 22.35
CA ALA B 198 -18.69 -19.93 22.68
C ALA B 198 -17.25 -19.98 22.18
N GLU B 199 -17.02 -19.42 21.00
CA GLU B 199 -15.68 -19.39 20.44
C GLU B 199 -14.82 -18.31 21.11
N VAL B 200 -15.26 -17.06 21.00
CA VAL B 200 -14.55 -15.91 21.53
C VAL B 200 -14.30 -15.91 23.03
N PHE B 201 -15.31 -16.24 23.82
CA PHE B 201 -15.13 -16.26 25.28
C PHE B 201 -14.10 -17.30 25.67
N ALA B 202 -14.12 -18.42 24.97
CA ALA B 202 -13.18 -19.51 25.22
C ALA B 202 -11.78 -19.08 24.81
N GLY B 203 -11.64 -18.54 23.60
CA GLY B 203 -10.35 -18.09 23.12
C GLY B 203 -9.73 -17.08 24.08
N ILE B 204 -10.52 -16.09 24.49
CA ILE B 204 -10.04 -15.07 25.41
C ILE B 204 -9.58 -15.66 26.74
N ASN B 205 -10.37 -16.56 27.30
CA ASN B 205 -9.95 -17.15 28.58
C ASN B 205 -8.72 -18.04 28.42
N GLU B 206 -8.66 -18.81 27.34
CA GLU B 206 -7.50 -19.67 27.12
C GLU B 206 -6.22 -18.85 26.92
N ALA B 207 -6.37 -17.58 26.56
CA ALA B 207 -5.23 -16.69 26.37
C ALA B 207 -4.95 -16.03 27.72
N THR B 208 -5.70 -16.47 28.73
CA THR B 208 -5.61 -15.97 30.11
C THR B 208 -5.95 -14.49 30.24
N LEU B 209 -6.91 -14.05 29.43
CA LEU B 209 -7.34 -12.66 29.43
C LEU B 209 -8.81 -12.58 29.89
N ASN B 210 -9.34 -11.38 30.02
CA ASN B 210 -10.72 -11.23 30.48
C ASN B 210 -11.66 -10.75 29.38
N VAL B 211 -12.89 -11.27 29.42
CA VAL B 211 -13.90 -10.86 28.45
C VAL B 211 -14.42 -9.51 28.97
N PRO B 212 -14.37 -8.46 28.13
CA PRO B 212 -14.85 -7.14 28.54
C PRO B 212 -16.32 -7.15 28.96
N GLN B 213 -16.72 -6.17 29.75
CA GLN B 213 -18.11 -6.08 30.18
C GLN B 213 -18.92 -5.48 29.03
N GLU B 214 -20.18 -5.90 28.90
CA GLU B 214 -21.04 -5.35 27.84
C GLU B 214 -21.42 -3.92 28.22
N GLN B 215 -21.32 -3.01 27.27
CA GLN B 215 -21.66 -1.61 27.50
C GLN B 215 -22.28 -1.00 26.26
N ALA B 216 -22.61 0.29 26.33
CA ALA B 216 -23.19 0.98 25.18
C ALA B 216 -22.22 0.75 24.04
N TYR B 217 -22.72 0.62 22.82
CA TYR B 217 -21.83 0.37 21.70
C TYR B 217 -22.07 1.28 20.51
N ARG B 218 -21.18 1.17 19.52
CA ARG B 218 -21.26 1.98 18.32
C ARG B 218 -21.90 1.18 17.18
N THR B 219 -22.71 1.84 16.37
CA THR B 219 -23.37 1.13 15.29
C THR B 219 -23.74 2.06 14.15
N GLY B 220 -24.29 1.50 13.08
CA GLY B 220 -24.71 2.29 11.95
C GLY B 220 -24.10 1.90 10.61
N GLY B 221 -23.06 1.08 10.65
CA GLY B 221 -22.38 0.66 9.44
C GLY B 221 -23.27 0.13 8.32
N LYS B 222 -24.21 -0.76 8.64
CA LYS B 222 -25.08 -1.34 7.62
C LYS B 222 -26.02 -0.32 6.98
N LYS B 223 -26.20 0.82 7.64
CA LYS B 223 -27.06 1.91 7.15
C LYS B 223 -26.25 3.04 6.52
N GLY B 224 -24.96 2.80 6.29
CA GLY B 224 -24.12 3.82 5.70
C GLY B 224 -23.68 4.90 6.68
N LEU B 225 -23.81 4.65 7.98
CA LEU B 225 -23.40 5.61 9.01
C LEU B 225 -22.11 5.06 9.62
N HIS B 226 -20.99 5.67 9.24
CA HIS B 226 -19.69 5.20 9.68
C HIS B 226 -18.90 6.08 10.62
N THR B 227 -17.76 5.56 11.08
CA THR B 227 -16.88 6.32 11.96
C THR B 227 -16.06 7.22 11.04
N GLU B 228 -15.20 8.07 11.61
CA GLU B 228 -14.39 8.97 10.81
C GLU B 228 -13.31 8.26 10.00
N HIS B 229 -13.08 6.98 10.27
CA HIS B 229 -12.03 6.24 9.57
C HIS B 229 -12.33 5.75 8.17
N LEU B 230 -13.59 5.46 7.87
CA LEU B 230 -13.90 4.94 6.54
C LEU B 230 -13.64 5.88 5.38
N GLY B 231 -14.07 7.13 5.51
CA GLY B 231 -13.87 8.09 4.43
C GLY B 231 -12.46 8.11 3.85
N PRO B 232 -11.46 8.44 4.68
CA PRO B 232 -10.04 8.51 4.27
C PRO B 232 -9.56 7.21 3.63
N MET B 233 -10.01 6.09 4.22
CA MET B 233 -9.65 4.76 3.74
C MET B 233 -10.15 4.53 2.32
N LEU B 234 -11.38 4.95 2.05
CA LEU B 234 -11.96 4.78 0.72
C LEU B 234 -11.22 5.66 -0.32
N ALA B 235 -10.79 6.85 0.09
CA ALA B 235 -10.06 7.73 -0.81
C ALA B 235 -8.75 7.04 -1.20
N GLU B 236 -8.13 6.39 -0.21
CA GLU B 236 -6.88 5.67 -0.44
C GLU B 236 -7.10 4.49 -1.39
N MET B 237 -8.17 3.74 -1.13
CA MET B 237 -8.49 2.58 -1.94
C MET B 237 -8.73 2.97 -3.40
N GLN B 238 -9.46 4.06 -3.61
CA GLN B 238 -9.75 4.55 -4.96
C GLN B 238 -8.48 5.07 -5.64
N TYR B 239 -7.60 5.69 -4.87
CA TYR B 239 -6.35 6.21 -5.41
C TYR B 239 -5.47 5.04 -5.89
N LEU B 240 -5.38 4.00 -5.05
CA LEU B 240 -4.59 2.83 -5.39
C LEU B 240 -5.10 2.13 -6.64
N GLN B 241 -6.38 2.31 -6.92
CA GLN B 241 -6.97 1.69 -8.11
C GLN B 241 -6.47 2.44 -9.34
N ARG B 242 -6.33 3.76 -9.21
CA ARG B 242 -5.87 4.60 -10.29
C ARG B 242 -4.39 4.46 -10.62
N VAL B 243 -3.54 4.38 -9.60
CA VAL B 243 -2.09 4.29 -9.82
C VAL B 243 -1.51 2.89 -9.95
N LEU B 244 -2.17 1.90 -9.38
CA LEU B 244 -1.65 0.55 -9.46
C LEU B 244 -2.61 -0.36 -10.23
#